data_2RCA
#
_entry.id   2RCA
#
_cell.length_a   45.915
_cell.length_b   83.597
_cell.length_c   145.153
_cell.angle_alpha   90.00
_cell.angle_beta   90.00
_cell.angle_gamma   90.00
#
_symmetry.space_group_name_H-M   'P 21 21 21'
#
loop_
_entity.id
_entity.type
_entity.pdbx_description
1 polymer 'Glutamate [NMDA] receptor subunit 3B'
2 non-polymer GLYCINE
3 non-polymer GLYCEROL
4 water water
#
_entity_poly.entity_id   1
_entity_poly.type   'polypeptide(L)'
_entity_poly.pdbx_seq_one_letter_code
;GSARPKLRVVTLVEHPFVFTRESDEDGQCPAGQLCLDPGTNDSARLDALFAALVNGSVPRTLRRCCYGYCIDLLERLAED
LAFDFELYIVGDGKYGALRDGRWTGLVGDLLAGRAHMAVTSFSINSARSQVVDFTSPFFSTSLGIMVRTRGTELSGIHDP
KLHHPSQGFRFGTVWESSAEAYIKASFPEMHAHMRRHSAPTTPHGVAMLTSDPPKLNAFIMDKSLLDYEVSIDADCKLLT
VGKPFAIEGYGIGLPQNSPLTSNLSEFISRYKSSGFIDLLHDKWYKMVPCGK
;
_entity_poly.pdbx_strand_id   A,B
#
# COMPACT_ATOMS: atom_id res chain seq x y z
N ARG A 4 23.83 9.59 -34.15
CA ARG A 4 23.24 8.51 -33.31
C ARG A 4 21.73 8.68 -33.22
N PRO A 5 20.97 7.62 -33.57
CA PRO A 5 19.53 7.74 -33.43
C PRO A 5 19.23 7.93 -31.95
N LYS A 6 18.15 8.64 -31.65
CA LYS A 6 17.77 8.81 -30.25
C LYS A 6 16.51 8.00 -30.02
N LEU A 7 16.60 7.03 -29.13
CA LEU A 7 15.47 6.14 -28.88
C LEU A 7 14.71 6.50 -27.62
N ARG A 8 13.38 6.44 -27.70
CA ARG A 8 12.52 6.73 -26.55
C ARG A 8 12.18 5.41 -25.91
N VAL A 9 12.53 5.31 -24.64
CA VAL A 9 12.40 4.03 -23.95
C VAL A 9 11.42 4.16 -22.79
N VAL A 10 10.43 3.28 -22.71
CA VAL A 10 9.50 3.23 -21.57
C VAL A 10 9.97 2.19 -20.58
N THR A 11 9.80 2.50 -19.31
CA THR A 11 10.19 1.58 -18.26
C THR A 11 9.08 1.52 -17.17
N LEU A 12 9.36 0.71 -16.16
CA LEU A 12 8.45 0.47 -15.04
C LEU A 12 9.42 0.23 -13.86
N VAL A 13 9.12 0.96 -12.76
CA VAL A 13 10.01 0.95 -11.60
C VAL A 13 9.73 -0.34 -10.82
N GLU A 14 10.69 -1.25 -10.85
CA GLU A 14 10.56 -2.53 -10.16
C GLU A 14 11.91 -3.00 -9.67
N HIS A 15 12.05 -3.07 -8.35
CA HIS A 15 13.40 -3.35 -7.78
C HIS A 15 13.75 -4.84 -7.92
N PRO A 16 15.01 -5.15 -8.18
CA PRO A 16 16.19 -4.31 -8.36
C PRO A 16 16.53 -4.05 -9.84
N PHE A 17 15.54 -4.24 -10.73
CA PHE A 17 15.75 -4.03 -12.14
C PHE A 17 15.73 -2.56 -12.52
N VAL A 18 14.79 -1.79 -11.92
CA VAL A 18 14.76 -0.35 -12.13
C VAL A 18 14.39 0.28 -10.80
N PHE A 19 15.26 1.14 -10.29
CA PHE A 19 14.98 1.98 -9.10
C PHE A 19 14.98 3.45 -9.59
N THR A 20 14.42 4.36 -8.77
CA THR A 20 14.64 5.79 -9.09
C THR A 20 14.99 6.54 -7.82
N ARG A 21 15.69 7.63 -8.01
CA ARG A 21 15.93 8.60 -6.95
C ARG A 21 15.54 9.98 -7.45
N GLU A 22 15.52 10.98 -6.54
CA GLU A 22 15.16 12.32 -7.00
C GLU A 22 16.28 12.88 -7.87
N SER A 23 15.90 13.83 -8.73
CA SER A 23 16.91 14.56 -9.51
C SER A 23 17.65 15.61 -8.64
N ASP A 24 18.74 16.14 -9.17
CA ASP A 24 19.48 17.16 -8.43
C ASP A 24 18.76 18.52 -8.51
N GLU A 25 19.40 19.55 -7.92
CA GLU A 25 18.72 20.86 -7.86
C GLU A 25 18.33 21.44 -9.21
N ASP A 26 19.04 21.02 -10.25
CA ASP A 26 18.83 21.45 -11.62
C ASP A 26 18.00 20.48 -12.44
N GLY A 27 17.46 19.46 -11.79
CA GLY A 27 16.65 18.46 -12.49
C GLY A 27 17.47 17.52 -13.36
N GLN A 28 18.76 17.38 -13.03
CA GLN A 28 19.66 16.47 -13.76
C GLN A 28 20.11 15.33 -12.85
N CYS A 29 20.87 14.40 -13.42
CA CYS A 29 21.19 13.16 -12.69
C CYS A 29 22.70 12.88 -12.73
N PRO A 30 23.43 13.32 -11.70
CA PRO A 30 24.86 13.00 -11.65
C PRO A 30 25.12 11.51 -11.54
N ALA A 31 24.11 10.79 -11.06
CA ALA A 31 24.17 9.34 -10.98
C ALA A 31 22.83 8.83 -11.49
N GLY A 32 22.92 7.92 -12.43
CA GLY A 32 21.72 7.38 -13.05
C GLY A 32 21.39 8.06 -14.36
N GLN A 33 20.17 7.80 -14.83
CA GLN A 33 19.73 8.37 -16.10
C GLN A 33 18.44 9.13 -15.89
N LEU A 34 18.35 10.34 -16.46
CA LEU A 34 17.11 11.13 -16.35
C LEU A 34 15.94 10.39 -16.95
N CYS A 35 14.87 10.36 -16.16
N CYS A 35 14.86 10.27 -16.19
CA CYS A 35 13.64 9.64 -16.48
CA CYS A 35 13.67 9.55 -16.67
C CYS A 35 12.55 10.64 -16.22
C CYS A 35 12.43 10.25 -16.15
N LEU A 36 11.57 10.64 -17.08
CA LEU A 36 10.39 11.45 -16.81
C LEU A 36 9.34 10.57 -16.14
N ASP A 37 8.49 11.19 -15.32
CA ASP A 37 7.37 10.49 -14.62
C ASP A 37 6.08 11.20 -15.01
N PRO A 38 5.66 11.06 -16.28
CA PRO A 38 4.54 11.87 -16.83
C PRO A 38 3.14 11.50 -16.28
N GLY A 39 2.94 10.24 -15.89
CA GLY A 39 1.63 9.84 -15.38
C GLY A 39 0.56 9.84 -16.46
N THR A 40 0.95 9.62 -17.70
CA THR A 40 -0.04 9.73 -18.81
C THR A 40 0.21 8.73 -19.92
N ASN A 41 -0.90 8.32 -20.58
CA ASN A 41 -0.74 7.56 -21.80
C ASN A 41 -1.24 8.38 -22.98
N ASP A 42 -1.31 9.70 -22.80
CA ASP A 42 -1.71 10.61 -23.89
C ASP A 42 -0.52 10.86 -24.74
N SER A 43 -0.54 10.43 -26.00
CA SER A 43 0.64 10.54 -26.85
C SER A 43 1.08 11.98 -27.02
N ALA A 44 0.11 12.88 -27.23
CA ALA A 44 0.50 14.29 -27.43
C ALA A 44 1.13 14.86 -26.19
N ARG A 45 0.60 14.50 -25.03
CA ARG A 45 1.18 15.01 -23.79
C ARG A 45 2.58 14.52 -23.60
N LEU A 46 2.83 13.23 -23.88
CA LEU A 46 4.16 12.66 -23.76
C LEU A 46 5.12 13.36 -24.72
N ASP A 47 4.72 13.58 -25.97
CA ASP A 47 5.59 14.27 -26.91
C ASP A 47 5.97 15.66 -26.41
N ALA A 48 4.99 16.35 -25.87
CA ALA A 48 5.12 17.74 -25.46
C ALA A 48 6.05 17.78 -24.25
N LEU A 49 5.96 16.78 -23.37
CA LEU A 49 6.82 16.76 -22.18
C LEU A 49 8.29 16.58 -22.59
N PHE A 50 8.59 15.64 -23.49
CA PHE A 50 9.96 15.47 -23.93
C PHE A 50 10.46 16.72 -24.66
N ALA A 51 9.60 17.33 -25.47
CA ALA A 51 9.99 18.57 -26.14
C ALA A 51 10.32 19.65 -25.12
N ALA A 52 9.54 19.71 -24.04
CA ALA A 52 9.72 20.74 -23.02
C ALA A 52 11.06 20.60 -22.35
N LEU A 53 11.69 19.44 -22.40
CA LEU A 53 13.06 19.34 -21.88
C LEU A 53 14.01 20.34 -22.56
N VAL A 54 13.83 20.52 -23.88
CA VAL A 54 14.67 21.40 -24.69
C VAL A 54 14.20 22.85 -24.77
N ASN A 55 12.89 23.06 -24.81
CA ASN A 55 12.40 24.42 -25.04
C ASN A 55 11.31 24.89 -24.09
N GLY A 56 11.16 24.18 -22.99
CA GLY A 56 10.17 24.56 -22.01
C GLY A 56 10.74 24.36 -20.62
N SER A 57 9.88 23.94 -19.70
CA SER A 57 10.33 23.81 -18.32
C SER A 57 9.59 22.66 -17.70
N VAL A 58 10.28 21.54 -17.55
CA VAL A 58 9.69 20.38 -16.90
C VAL A 58 10.11 20.43 -15.44
N PRO A 59 9.15 20.47 -14.49
CA PRO A 59 9.52 20.63 -13.09
C PRO A 59 10.06 19.33 -12.47
N ARG A 60 10.78 19.49 -11.37
CA ARG A 60 11.38 18.35 -10.70
C ARG A 60 10.38 17.29 -10.23
N THR A 61 9.13 17.69 -10.00
CA THR A 61 8.10 16.74 -9.63
C THR A 61 7.87 15.68 -10.67
N LEU A 62 8.26 15.97 -11.90
CA LEU A 62 8.09 15.05 -13.05
C LEU A 62 9.40 14.45 -13.53
N ARG A 63 10.49 14.69 -12.77
CA ARG A 63 11.82 14.15 -13.10
C ARG A 63 12.31 13.17 -12.01
N ARG A 64 12.92 12.07 -12.45
CA ARG A 64 13.55 11.11 -11.55
C ARG A 64 14.87 10.73 -12.21
N CYS A 65 15.71 10.09 -11.43
CA CYS A 65 16.97 9.51 -11.93
C CYS A 65 16.88 8.02 -11.76
N CYS A 66 16.83 7.29 -12.87
N CYS A 66 16.88 7.32 -12.89
CA CYS A 66 16.70 5.84 -12.75
CA CYS A 66 16.73 5.87 -12.93
C CYS A 66 18.06 5.14 -12.81
C CYS A 66 18.08 5.13 -12.83
N TYR A 67 18.09 3.99 -12.16
CA TYR A 67 19.30 3.19 -12.06
C TYR A 67 18.90 1.74 -11.75
N GLY A 68 19.84 0.81 -11.86
CA GLY A 68 19.52 -0.59 -11.61
C GLY A 68 20.02 -1.55 -12.67
N TYR A 69 19.67 -2.82 -12.51
CA TYR A 69 20.12 -3.89 -13.44
C TYR A 69 19.77 -3.53 -14.88
N CYS A 70 18.52 -3.15 -15.11
CA CYS A 70 18.12 -2.90 -16.49
C CYS A 70 18.69 -1.63 -17.05
N ILE A 71 18.99 -0.66 -16.18
CA ILE A 71 19.59 0.57 -16.66
C ILE A 71 21.05 0.33 -17.03
N ASP A 72 21.76 -0.48 -16.23
CA ASP A 72 23.14 -0.87 -16.59
C ASP A 72 23.10 -1.63 -17.92
N LEU A 73 22.10 -2.49 -18.11
CA LEU A 73 21.98 -3.22 -19.37
C LEU A 73 21.71 -2.24 -20.55
N LEU A 74 20.78 -1.31 -20.37
CA LEU A 74 20.48 -0.34 -21.44
C LEU A 74 21.71 0.52 -21.81
N GLU A 75 22.46 0.98 -20.79
CA GLU A 75 23.67 1.74 -21.05
C GLU A 75 24.68 0.95 -21.88
N ARG A 76 24.84 -0.35 -21.59
CA ARG A 76 25.80 -1.18 -22.32
C ARG A 76 25.36 -1.31 -23.79
N LEU A 77 24.06 -1.55 -23.97
CA LEU A 77 23.49 -1.70 -25.31
C LEU A 77 23.66 -0.39 -26.12
N ALA A 78 23.39 0.76 -25.50
CA ALA A 78 23.53 2.04 -26.17
C ALA A 78 24.95 2.24 -26.65
N GLU A 79 25.89 1.76 -25.85
CA GLU A 79 27.31 1.86 -26.21
C GLU A 79 27.59 0.97 -27.41
N ASP A 80 27.26 -0.31 -27.25
CA ASP A 80 27.61 -1.33 -28.25
C ASP A 80 26.90 -1.14 -29.57
N LEU A 81 25.71 -0.55 -29.53
CA LEU A 81 24.91 -0.33 -30.74
C LEU A 81 24.89 1.13 -31.20
N ALA A 82 25.56 1.99 -30.44
CA ALA A 82 25.75 3.38 -30.80
C ALA A 82 24.48 4.20 -30.93
N PHE A 83 23.61 4.13 -29.93
CA PHE A 83 22.40 4.96 -29.93
C PHE A 83 22.30 5.79 -28.66
N ASP A 84 21.51 6.84 -28.69
CA ASP A 84 21.24 7.62 -27.50
C ASP A 84 19.84 7.29 -27.10
N PHE A 85 19.49 7.63 -25.87
CA PHE A 85 18.13 7.29 -25.43
C PHE A 85 17.56 8.31 -24.45
N GLU A 86 16.23 8.29 -24.31
CA GLU A 86 15.56 9.12 -23.33
C GLU A 86 14.51 8.20 -22.72
N LEU A 87 14.21 8.37 -21.44
CA LEU A 87 13.38 7.41 -20.71
C LEU A 87 12.16 8.09 -20.11
N TYR A 88 11.06 7.35 -20.04
CA TYR A 88 9.91 7.74 -19.21
C TYR A 88 9.31 6.51 -18.54
N ILE A 89 8.63 6.73 -17.41
CA ILE A 89 7.99 5.65 -16.65
C ILE A 89 6.54 5.55 -17.15
N VAL A 90 6.15 4.30 -17.45
CA VAL A 90 4.78 4.06 -17.95
C VAL A 90 3.72 4.66 -17.02
N GLY A 91 2.73 5.33 -17.63
CA GLY A 91 1.79 6.12 -16.85
C GLY A 91 0.97 5.34 -15.87
N ASP A 92 0.58 4.14 -16.27
CA ASP A 92 -0.34 3.40 -15.43
C ASP A 92 0.40 2.46 -14.45
N GLY A 93 1.71 2.36 -14.58
CA GLY A 93 2.51 1.54 -13.63
C GLY A 93 2.34 0.04 -13.87
N LYS A 94 1.78 -0.35 -15.02
CA LYS A 94 1.48 -1.77 -15.26
C LYS A 94 2.31 -2.37 -16.35
N TYR A 95 2.55 -3.69 -16.26
CA TYR A 95 3.29 -4.37 -17.34
C TYR A 95 2.42 -4.50 -18.60
N GLY A 96 1.19 -4.98 -18.44
CA GLY A 96 0.30 -5.00 -19.58
C GLY A 96 -0.63 -6.18 -19.66
N ALA A 97 -1.90 -5.85 -19.91
CA ALA A 97 -2.94 -6.87 -20.16
C ALA A 97 -3.87 -6.33 -21.20
N LEU A 98 -4.67 -7.24 -21.78
CA LEU A 98 -5.68 -6.80 -22.74
C LEU A 98 -6.93 -6.54 -21.92
N ARG A 99 -7.41 -5.32 -21.94
CA ARG A 99 -8.62 -4.94 -21.20
C ARG A 99 -9.49 -4.04 -22.04
N ASP A 100 -10.78 -4.35 -22.12
CA ASP A 100 -11.71 -3.53 -22.93
C ASP A 100 -11.20 -3.36 -24.36
N GLY A 101 -10.58 -4.39 -24.89
CA GLY A 101 -10.14 -4.40 -26.29
C GLY A 101 -8.81 -3.75 -26.58
N ARG A 102 -8.17 -3.23 -25.54
CA ARG A 102 -6.89 -2.51 -25.75
C ARG A 102 -5.85 -3.07 -24.80
N TRP A 103 -4.56 -3.01 -25.19
CA TRP A 103 -3.54 -3.41 -24.24
C TRP A 103 -3.14 -2.23 -23.36
N THR A 104 -2.93 -2.53 -22.09
CA THR A 104 -2.50 -1.50 -21.14
C THR A 104 -0.98 -1.55 -20.94
N GLY A 105 -0.51 -0.67 -20.06
CA GLY A 105 0.89 -0.72 -19.63
C GLY A 105 1.92 -0.60 -20.70
N LEU A 106 3.03 -1.27 -20.48
CA LEU A 106 4.17 -1.23 -21.42
C LEU A 106 3.75 -1.72 -22.80
N VAL A 107 2.95 -2.76 -22.82
CA VAL A 107 2.56 -3.37 -24.12
C VAL A 107 1.76 -2.33 -24.87
N GLY A 108 0.79 -1.68 -24.18
CA GLY A 108 -0.02 -0.65 -24.83
C GLY A 108 0.80 0.52 -25.39
N ASP A 109 1.81 0.96 -24.64
CA ASP A 109 2.61 2.06 -25.15
C ASP A 109 3.45 1.68 -26.37
N LEU A 110 3.95 0.45 -26.40
CA LEU A 110 4.66 -0.02 -27.63
C LEU A 110 3.71 -0.03 -28.84
N LEU A 111 2.53 -0.62 -28.65
CA LEU A 111 1.58 -0.67 -29.77
C LEU A 111 1.16 0.71 -30.24
N ALA A 112 1.02 1.65 -29.33
CA ALA A 112 0.58 3.00 -29.73
C ALA A 112 1.69 3.86 -30.34
N GLY A 113 2.91 3.34 -30.39
CA GLY A 113 4.02 4.13 -30.93
C GLY A 113 4.55 5.21 -29.98
N ARG A 114 4.36 5.00 -28.68
CA ARG A 114 4.85 5.96 -27.67
C ARG A 114 6.29 5.71 -27.27
N ALA A 115 6.85 4.58 -27.69
CA ALA A 115 8.23 4.23 -27.32
C ALA A 115 8.82 3.28 -28.32
N HIS A 116 10.13 3.38 -28.53
CA HIS A 116 10.81 2.43 -29.41
C HIS A 116 11.05 1.09 -28.76
N MET A 117 11.28 1.11 -27.42
CA MET A 117 11.47 -0.12 -26.70
C MET A 117 11.00 0.04 -25.24
N ALA A 118 10.73 -1.10 -24.60
CA ALA A 118 10.37 -1.14 -23.16
C ALA A 118 11.45 -1.98 -22.47
N VAL A 119 12.02 -1.40 -21.42
CA VAL A 119 13.17 -2.00 -20.73
C VAL A 119 12.93 -2.00 -19.22
N THR A 120 12.71 -3.18 -18.66
CA THR A 120 12.48 -3.41 -17.21
C THR A 120 12.36 -4.95 -17.07
N SER A 121 11.86 -5.40 -15.93
CA SER A 121 11.64 -6.83 -15.64
C SER A 121 10.37 -7.32 -16.37
N PHE A 122 10.43 -7.32 -17.71
CA PHE A 122 9.22 -7.49 -18.58
C PHE A 122 9.15 -8.91 -19.11
N SER A 123 8.11 -9.64 -18.70
CA SER A 123 8.01 -11.08 -19.02
C SER A 123 7.48 -11.33 -20.43
N ILE A 124 8.14 -12.26 -21.11
CA ILE A 124 7.68 -12.75 -22.41
C ILE A 124 6.61 -13.83 -22.19
N ASN A 125 5.43 -13.63 -22.78
CA ASN A 125 4.45 -14.70 -22.83
C ASN A 125 3.84 -14.77 -24.22
N SER A 126 3.08 -15.83 -24.47
N SER A 126 3.09 -15.84 -24.49
CA SER A 126 2.52 -16.07 -25.79
CA SER A 126 2.56 -16.02 -25.83
C SER A 126 1.53 -15.00 -26.24
C SER A 126 1.60 -14.90 -26.22
N ALA A 127 0.68 -14.52 -25.34
CA ALA A 127 -0.28 -13.47 -25.71
C ALA A 127 0.43 -12.17 -26.12
N ARG A 128 1.43 -11.75 -25.36
CA ARG A 128 2.14 -10.51 -25.65
C ARG A 128 2.96 -10.65 -26.93
N SER A 129 3.59 -11.81 -27.14
CA SER A 129 4.44 -12.07 -28.31
C SER A 129 3.67 -12.03 -29.63
N GLN A 130 2.36 -12.19 -29.56
CA GLN A 130 1.54 -12.12 -30.76
C GLN A 130 1.36 -10.69 -31.23
N VAL A 131 1.53 -9.71 -30.32
CA VAL A 131 1.29 -8.31 -30.67
C VAL A 131 2.54 -7.44 -30.67
N VAL A 132 3.52 -7.75 -29.82
CA VAL A 132 4.78 -7.01 -29.84
C VAL A 132 5.91 -8.01 -30.01
N ASP A 133 7.08 -7.50 -30.28
CA ASP A 133 8.23 -8.40 -30.34
C ASP A 133 9.07 -8.26 -29.10
N PHE A 134 9.78 -9.32 -28.80
CA PHE A 134 10.73 -9.33 -27.69
C PHE A 134 12.06 -9.81 -28.21
N THR A 135 13.12 -9.26 -27.62
CA THR A 135 14.46 -9.78 -27.86
C THR A 135 14.59 -11.15 -27.24
N SER A 136 15.66 -11.87 -27.57
N SER A 136 15.64 -11.88 -27.57
CA SER A 136 16.01 -13.08 -26.83
CA SER A 136 15.96 -13.09 -26.83
C SER A 136 16.05 -12.65 -25.36
C SER A 136 16.05 -12.67 -25.36
N PRO A 137 15.70 -13.57 -24.43
CA PRO A 137 15.67 -13.19 -23.01
C PRO A 137 17.00 -12.93 -22.37
N PHE A 138 17.04 -11.96 -21.45
CA PHE A 138 18.27 -11.69 -20.74
C PHE A 138 18.26 -12.30 -19.35
N PHE A 139 17.11 -12.78 -18.89
CA PHE A 139 16.96 -13.30 -17.53
C PHE A 139 15.78 -14.26 -17.59
N SER A 140 15.67 -15.16 -16.62
CA SER A 140 14.59 -16.10 -16.55
C SER A 140 14.14 -16.22 -15.12
N THR A 141 12.82 -16.36 -14.89
CA THR A 141 12.30 -16.58 -13.54
C THR A 141 11.01 -17.38 -13.51
N SER A 142 10.85 -18.22 -12.48
CA SER A 142 9.58 -18.88 -12.15
C SER A 142 8.71 -17.84 -11.43
N LEU A 143 7.42 -18.12 -11.35
CA LEU A 143 6.60 -17.44 -10.39
C LEU A 143 6.88 -18.07 -9.02
N GLY A 144 6.61 -17.30 -7.99
CA GLY A 144 6.76 -17.79 -6.64
C GLY A 144 5.62 -17.32 -5.75
N ILE A 145 5.66 -17.79 -4.51
CA ILE A 145 4.63 -17.49 -3.52
C ILE A 145 5.32 -17.01 -2.26
N MET A 146 4.98 -15.81 -1.82
N MET A 146 4.99 -15.80 -1.86
CA MET A 146 5.58 -15.29 -0.60
CA MET A 146 5.53 -15.23 -0.62
C MET A 146 4.58 -15.22 0.54
C MET A 146 4.53 -15.27 0.54
N VAL A 147 5.01 -15.64 1.71
CA VAL A 147 4.20 -15.69 2.91
C VAL A 147 4.98 -15.09 4.07
N ARG A 148 4.31 -14.81 5.18
CA ARG A 148 5.06 -14.50 6.42
C ARG A 148 5.66 -15.78 7.03
N THR A 149 6.81 -15.62 7.68
CA THR A 149 7.40 -16.77 8.35
C THR A 149 6.50 -17.23 9.46
N ARG A 150 6.62 -18.49 9.85
CA ARG A 150 5.91 -19.01 10.99
C ARG A 150 4.39 -19.03 10.84
N GLY A 151 3.97 -19.33 9.63
CA GLY A 151 2.53 -19.35 9.34
C GLY A 151 2.20 -20.28 8.20
N THR A 152 1.64 -19.70 7.16
CA THR A 152 1.17 -20.45 5.99
C THR A 152 2.28 -21.24 5.32
N GLU A 153 1.99 -22.51 5.08
CA GLU A 153 2.89 -23.38 4.34
C GLU A 153 2.16 -23.80 3.07
N LEU A 154 2.87 -23.79 1.95
CA LEU A 154 2.27 -24.15 0.67
C LEU A 154 3.19 -25.02 -0.18
N SER A 155 2.60 -25.97 -0.91
CA SER A 155 3.41 -26.87 -1.72
C SER A 155 3.78 -26.25 -3.03
N GLY A 156 3.03 -25.23 -3.42
CA GLY A 156 3.17 -24.63 -4.74
C GLY A 156 1.78 -24.29 -5.27
N ILE A 157 1.70 -24.08 -6.57
CA ILE A 157 0.45 -23.56 -7.17
C ILE A 157 -0.73 -24.58 -7.10
N HIS A 158 -0.43 -25.85 -6.79
CA HIS A 158 -1.48 -26.85 -6.74
C HIS A 158 -1.97 -27.17 -5.33
N ASP A 159 -1.44 -26.46 -4.34
CA ASP A 159 -1.87 -26.67 -2.97
C ASP A 159 -3.38 -26.46 -2.79
N PRO A 160 -4.07 -27.45 -2.20
CA PRO A 160 -5.52 -27.29 -2.04
C PRO A 160 -5.96 -26.07 -1.21
N LYS A 161 -5.03 -25.50 -0.44
CA LYS A 161 -5.34 -24.28 0.32
C LYS A 161 -5.66 -23.12 -0.63
N LEU A 162 -5.16 -23.23 -1.86
CA LEU A 162 -5.34 -22.19 -2.88
C LEU A 162 -6.53 -22.50 -3.77
N HIS A 163 -6.88 -23.78 -3.85
CA HIS A 163 -7.98 -24.20 -4.73
C HIS A 163 -9.32 -24.29 -3.99
N HIS A 164 -9.25 -24.51 -2.68
CA HIS A 164 -10.40 -24.51 -1.80
C HIS A 164 -10.06 -23.73 -0.54
N PRO A 165 -9.91 -22.41 -0.68
CA PRO A 165 -9.49 -21.55 0.44
C PRO A 165 -10.42 -21.57 1.65
N SER A 166 -9.83 -21.59 2.85
CA SER A 166 -10.59 -21.55 4.09
C SER A 166 -11.09 -20.15 4.40
N GLN A 167 -12.05 -20.08 5.30
CA GLN A 167 -12.63 -18.81 5.68
C GLN A 167 -11.55 -17.82 6.13
N GLY A 168 -11.50 -16.65 5.46
CA GLY A 168 -10.55 -15.60 5.81
C GLY A 168 -9.17 -15.76 5.22
N PHE A 169 -8.92 -16.88 4.52
CA PHE A 169 -7.62 -17.06 3.83
C PHE A 169 -7.66 -16.25 2.53
N ARG A 170 -6.66 -15.42 2.31
CA ARG A 170 -6.65 -14.51 1.17
C ARG A 170 -5.30 -14.56 0.44
N PHE A 171 -5.35 -14.57 -0.88
CA PHE A 171 -4.14 -14.52 -1.68
C PHE A 171 -4.36 -13.73 -2.95
N GLY A 172 -3.26 -13.19 -3.47
CA GLY A 172 -3.41 -12.25 -4.59
C GLY A 172 -2.12 -12.15 -5.40
N THR A 173 -2.20 -11.39 -6.50
CA THR A 173 -1.03 -11.16 -7.33
C THR A 173 -1.03 -9.67 -7.69
N VAL A 174 -0.30 -9.31 -8.74
CA VAL A 174 -0.25 -7.92 -9.18
C VAL A 174 -1.17 -7.79 -10.43
N TRP A 175 -2.02 -6.79 -10.38
CA TRP A 175 -2.90 -6.50 -11.52
C TRP A 175 -2.12 -6.31 -12.81
N GLU A 176 -2.65 -6.91 -13.88
CA GLU A 176 -2.13 -6.71 -15.23
C GLU A 176 -0.67 -7.14 -15.43
N SER A 177 -0.25 -8.10 -14.63
CA SER A 177 1.05 -8.72 -14.77
C SER A 177 0.93 -10.04 -15.52
N SER A 178 2.08 -10.61 -15.84
N SER A 178 2.08 -10.57 -15.86
CA SER A 178 2.08 -11.90 -16.53
CA SER A 178 2.10 -11.88 -16.53
C SER A 178 1.68 -13.03 -15.58
C SER A 178 1.58 -12.95 -15.57
N ALA A 179 1.90 -12.83 -14.28
CA ALA A 179 1.42 -13.76 -13.25
C ALA A 179 -0.11 -13.82 -13.29
N GLU A 180 -0.76 -12.65 -13.32
CA GLU A 180 -2.23 -12.62 -13.35
C GLU A 180 -2.69 -13.27 -14.66
N ALA A 181 -2.03 -13.01 -15.78
CA ALA A 181 -2.46 -13.67 -17.05
C ALA A 181 -2.37 -15.21 -17.03
N TYR A 182 -1.30 -15.70 -16.43
CA TYR A 182 -1.14 -17.16 -16.30
C TYR A 182 -2.26 -17.76 -15.46
N ILE A 183 -2.57 -17.12 -14.33
CA ILE A 183 -3.63 -17.66 -13.47
C ILE A 183 -5.00 -17.58 -14.16
N LYS A 184 -5.27 -16.48 -14.85
CA LYS A 184 -6.55 -16.29 -15.54
C LYS A 184 -6.72 -17.39 -16.57
N ALA A 185 -5.61 -17.77 -17.21
CA ALA A 185 -5.73 -18.82 -18.26
C ALA A 185 -5.70 -20.27 -17.76
N SER A 186 -5.00 -20.50 -16.66
CA SER A 186 -4.75 -21.87 -16.19
C SER A 186 -5.62 -22.28 -15.01
N PHE A 187 -6.02 -21.30 -14.20
CA PHE A 187 -6.77 -21.56 -13.00
C PHE A 187 -7.86 -20.53 -12.86
N PRO A 188 -8.83 -20.55 -13.78
CA PRO A 188 -9.83 -19.48 -13.78
C PRO A 188 -10.63 -19.37 -12.49
N GLU A 189 -10.91 -20.49 -11.79
CA GLU A 189 -11.67 -20.42 -10.55
C GLU A 189 -10.81 -19.77 -9.43
N MET A 190 -9.52 -20.02 -9.47
CA MET A 190 -8.58 -19.41 -8.50
C MET A 190 -8.54 -17.90 -8.74
N HIS A 191 -8.48 -17.52 -10.01
CA HIS A 191 -8.47 -16.09 -10.38
C HIS A 191 -9.67 -15.34 -9.80
N ALA A 192 -10.84 -15.97 -9.84
CA ALA A 192 -12.04 -15.34 -9.28
C ALA A 192 -11.91 -14.96 -7.80
N HIS A 193 -11.20 -15.77 -7.01
CA HIS A 193 -10.86 -15.37 -5.61
C HIS A 193 -9.82 -14.23 -5.57
N MET A 194 -8.77 -14.38 -6.35
CA MET A 194 -7.63 -13.48 -6.26
C MET A 194 -7.95 -12.08 -6.68
N ARG A 195 -8.78 -11.96 -7.71
CA ARG A 195 -8.95 -10.64 -8.30
C ARG A 195 -9.57 -9.60 -7.38
N ARG A 196 -10.09 -9.99 -6.21
CA ARG A 196 -10.60 -9.03 -5.25
C ARG A 196 -9.51 -8.76 -4.20
N HIS A 197 -8.36 -9.39 -4.35
CA HIS A 197 -7.34 -9.31 -3.29
C HIS A 197 -5.95 -9.01 -3.86
N SER A 198 -5.92 -8.54 -5.10
CA SER A 198 -4.64 -8.29 -5.77
C SER A 198 -4.20 -6.86 -5.56
N ALA A 199 -3.02 -6.53 -6.09
CA ALA A 199 -2.37 -5.24 -5.79
C ALA A 199 -1.88 -4.56 -7.08
N PRO A 200 -1.70 -3.23 -7.04
CA PRO A 200 -1.27 -2.50 -8.26
C PRO A 200 0.19 -2.66 -8.60
N THR A 201 1.00 -3.01 -7.57
CA THR A 201 2.43 -3.15 -7.77
C THR A 201 2.98 -4.20 -6.82
N THR A 202 4.21 -4.67 -7.09
CA THR A 202 4.80 -5.68 -6.22
C THR A 202 4.92 -5.19 -4.76
N PRO A 203 5.49 -4.00 -4.54
CA PRO A 203 5.57 -3.53 -3.16
C PRO A 203 4.22 -3.43 -2.47
N HIS A 204 3.16 -3.08 -3.19
CA HIS A 204 1.85 -2.99 -2.54
C HIS A 204 1.41 -4.37 -2.09
N GLY A 205 1.71 -5.36 -2.90
CA GLY A 205 1.29 -6.71 -2.52
C GLY A 205 2.08 -7.24 -1.34
N VAL A 206 3.41 -7.00 -1.33
CA VAL A 206 4.22 -7.40 -0.17
C VAL A 206 3.71 -6.71 1.09
N ALA A 207 3.37 -5.41 1.01
CA ALA A 207 2.86 -4.65 2.16
C ALA A 207 1.57 -5.26 2.72
N MET A 208 0.78 -5.92 1.86
N MET A 208 0.80 -5.93 1.85
CA MET A 208 -0.45 -6.56 2.34
CA MET A 208 -0.46 -6.56 2.30
C MET A 208 -0.17 -7.72 3.27
C MET A 208 -0.21 -7.76 3.19
N LEU A 209 0.98 -8.37 3.08
CA LEU A 209 1.37 -9.47 3.95
C LEU A 209 1.76 -9.01 5.34
N THR A 210 2.18 -7.73 5.41
CA THR A 210 2.80 -7.15 6.60
C THR A 210 1.92 -6.11 7.29
N SER A 211 0.74 -5.82 6.73
CA SER A 211 -0.09 -4.78 7.31
C SER A 211 -0.65 -5.30 8.63
N ASP A 212 -1.24 -4.40 9.42
CA ASP A 212 -1.82 -4.78 10.70
C ASP A 212 -3.32 -4.49 10.71
N PRO A 213 -4.15 -5.52 10.60
CA PRO A 213 -3.83 -6.92 10.39
C PRO A 213 -3.46 -7.17 8.91
N PRO A 214 -2.83 -8.31 8.62
CA PRO A 214 -2.49 -8.60 7.21
C PRO A 214 -3.74 -8.69 6.35
N LYS A 215 -3.64 -8.23 5.11
CA LYS A 215 -4.71 -8.35 4.15
C LYS A 215 -4.51 -9.48 3.15
N LEU A 216 -3.33 -10.11 3.19
CA LEU A 216 -3.08 -11.32 2.40
C LEU A 216 -2.39 -12.31 3.29
N ASN A 217 -2.64 -13.60 3.00
CA ASN A 217 -1.90 -14.69 3.62
C ASN A 217 -0.80 -15.16 2.69
N ALA A 218 -0.99 -14.97 1.38
CA ALA A 218 0.03 -15.34 0.39
C ALA A 218 0.01 -14.42 -0.82
N PHE A 219 1.16 -14.19 -1.44
CA PHE A 219 1.25 -13.26 -2.59
C PHE A 219 2.06 -13.92 -3.69
N ILE A 220 1.52 -13.92 -4.91
CA ILE A 220 2.13 -14.63 -6.00
C ILE A 220 2.66 -13.62 -6.98
N MET A 221 3.95 -13.73 -7.34
CA MET A 221 4.59 -12.80 -8.31
C MET A 221 5.91 -13.44 -8.75
N ASP A 222 6.56 -12.82 -9.76
CA ASP A 222 7.87 -13.28 -10.24
C ASP A 222 8.75 -13.62 -9.01
N LYS A 223 9.31 -14.82 -8.96
CA LYS A 223 10.16 -15.19 -7.82
C LYS A 223 11.40 -14.27 -7.72
N SER A 224 11.94 -13.80 -8.86
CA SER A 224 13.06 -12.85 -8.87
C SER A 224 12.73 -11.63 -7.99
N LEU A 225 11.51 -11.13 -8.15
CA LEU A 225 11.10 -9.93 -7.44
C LEU A 225 10.82 -10.23 -5.99
N LEU A 226 10.16 -11.34 -5.74
CA LEU A 226 9.90 -11.70 -4.35
C LEU A 226 11.18 -11.97 -3.59
N ASP A 227 12.16 -12.62 -4.23
CA ASP A 227 13.44 -12.90 -3.55
C ASP A 227 14.09 -11.60 -3.12
N TYR A 228 14.00 -10.56 -3.96
CA TYR A 228 14.62 -9.29 -3.59
C TYR A 228 13.91 -8.71 -2.35
N GLU A 229 12.60 -8.76 -2.34
CA GLU A 229 11.84 -8.23 -1.20
C GLU A 229 12.12 -9.04 0.06
N VAL A 230 12.28 -10.37 -0.07
CA VAL A 230 12.64 -11.14 1.11
C VAL A 230 13.96 -10.63 1.64
N SER A 231 14.91 -10.34 0.75
CA SER A 231 16.27 -10.00 1.19
C SER A 231 16.37 -8.65 1.91
N ILE A 232 15.41 -7.77 1.67
CA ILE A 232 15.46 -6.45 2.29
C ILE A 232 14.46 -6.23 3.46
N ASP A 233 13.69 -7.25 3.81
CA ASP A 233 12.72 -7.09 4.89
C ASP A 233 13.47 -6.86 6.17
N ALA A 234 13.06 -5.86 6.92
CA ALA A 234 13.84 -5.47 8.10
C ALA A 234 13.84 -6.46 9.26
N ASP A 235 12.89 -7.39 9.25
CA ASP A 235 12.74 -8.37 10.33
C ASP A 235 13.04 -9.75 9.78
N CYS A 236 13.38 -9.86 8.49
CA CYS A 236 13.47 -11.18 7.82
C CYS A 236 12.24 -12.04 8.10
N LYS A 237 11.05 -11.44 7.96
CA LYS A 237 9.81 -12.13 8.32
C LYS A 237 9.04 -12.59 7.09
N LEU A 238 9.65 -12.43 5.91
CA LEU A 238 9.03 -12.92 4.68
C LEU A 238 9.82 -14.12 4.16
N LEU A 239 9.12 -15.04 3.50
CA LEU A 239 9.81 -16.12 2.81
C LEU A 239 9.03 -16.61 1.63
N THR A 240 9.75 -17.23 0.69
CA THR A 240 9.11 -17.83 -0.47
C THR A 240 8.97 -19.34 -0.25
N VAL A 241 7.84 -19.88 -0.68
CA VAL A 241 7.50 -21.28 -0.41
C VAL A 241 6.99 -21.97 -1.67
N GLY A 242 7.07 -23.29 -1.66
CA GLY A 242 6.52 -24.08 -2.76
C GLY A 242 7.43 -24.28 -3.94
N LYS A 243 7.01 -25.22 -4.80
CA LYS A 243 7.74 -25.55 -6.01
C LYS A 243 7.59 -24.44 -7.07
N PRO A 244 8.66 -24.19 -7.83
CA PRO A 244 8.57 -23.26 -8.96
C PRO A 244 7.46 -23.63 -9.96
N PHE A 245 6.91 -22.61 -10.63
CA PHE A 245 5.90 -22.80 -11.68
C PHE A 245 5.93 -21.62 -12.64
N ALA A 246 5.36 -21.81 -13.84
CA ALA A 246 5.23 -20.74 -14.82
C ALA A 246 6.53 -19.97 -15.14
N ILE A 247 7.57 -20.70 -15.49
CA ILE A 247 8.83 -20.07 -15.86
C ILE A 247 8.67 -19.21 -17.11
N GLU A 248 9.20 -17.99 -17.07
CA GLU A 248 9.15 -17.09 -18.22
C GLU A 248 10.47 -16.33 -18.29
N GLY A 249 10.81 -15.92 -19.50
CA GLY A 249 11.98 -15.07 -19.73
C GLY A 249 11.65 -13.58 -19.59
N TYR A 250 12.63 -12.74 -19.24
CA TYR A 250 12.46 -11.30 -19.34
C TYR A 250 13.14 -10.88 -20.65
N GLY A 251 12.48 -10.01 -21.39
CA GLY A 251 13.10 -9.51 -22.61
C GLY A 251 12.84 -8.03 -22.81
N ILE A 252 13.60 -7.39 -23.70
CA ILE A 252 13.26 -6.02 -24.12
C ILE A 252 12.12 -6.13 -25.12
N GLY A 253 11.08 -5.32 -24.89
CA GLY A 253 9.92 -5.33 -25.80
C GLY A 253 10.06 -4.24 -26.83
N LEU A 254 9.56 -4.50 -28.06
CA LEU A 254 9.61 -3.53 -29.15
C LEU A 254 8.36 -3.68 -30.00
N PRO A 255 7.99 -2.66 -30.78
CA PRO A 255 6.85 -2.86 -31.68
C PRO A 255 7.26 -3.95 -32.67
N GLN A 256 6.24 -4.56 -33.26
CA GLN A 256 6.44 -5.66 -34.13
C GLN A 256 7.25 -5.22 -35.35
N ASN A 257 8.14 -6.09 -35.80
CA ASN A 257 8.98 -5.82 -36.97
C ASN A 257 9.92 -4.63 -36.84
N SER A 258 10.39 -4.37 -35.63
CA SER A 258 11.34 -3.27 -35.45
C SER A 258 12.70 -3.64 -36.00
N PRO A 259 13.36 -2.71 -36.70
CA PRO A 259 14.71 -3.04 -37.17
C PRO A 259 15.77 -3.11 -36.06
N LEU A 260 15.37 -2.87 -34.81
CA LEU A 260 16.32 -2.87 -33.69
C LEU A 260 16.44 -4.22 -33.00
N THR A 261 15.39 -5.02 -33.09
CA THR A 261 15.28 -6.26 -32.33
C THR A 261 16.39 -7.30 -32.47
N SER A 262 16.74 -7.64 -33.70
CA SER A 262 17.79 -8.62 -33.95
C SER A 262 19.14 -8.18 -33.38
N ASN A 263 19.49 -6.92 -33.61
CA ASN A 263 20.76 -6.37 -33.13
C ASN A 263 20.84 -6.36 -31.60
N LEU A 264 19.72 -6.09 -30.93
CA LEU A 264 19.70 -6.11 -29.47
C LEU A 264 19.83 -7.55 -29.00
N SER A 265 19.19 -8.49 -29.67
CA SER A 265 19.25 -9.89 -29.27
C SER A 265 20.68 -10.43 -29.37
N GLU A 266 21.39 -10.02 -30.40
CA GLU A 266 22.73 -10.54 -30.64
C GLU A 266 23.64 -10.10 -29.50
N PHE A 267 23.51 -8.84 -29.09
CA PHE A 267 24.27 -8.39 -27.91
C PHE A 267 23.84 -9.07 -26.61
N ILE A 268 22.53 -9.14 -26.34
CA ILE A 268 22.08 -9.90 -25.19
C ILE A 268 22.68 -11.30 -25.10
N SER A 269 22.75 -12.03 -26.22
CA SER A 269 23.29 -13.39 -26.21
C SER A 269 24.76 -13.41 -25.84
N ARG A 270 25.51 -12.41 -26.31
CA ARG A 270 26.92 -12.26 -25.98
C ARG A 270 27.09 -11.89 -24.50
N TYR A 271 26.20 -11.06 -23.99
CA TYR A 271 26.33 -10.73 -22.57
C TYR A 271 26.09 -11.92 -21.67
N LYS A 272 25.23 -12.83 -22.14
CA LYS A 272 24.93 -14.00 -21.37
C LYS A 272 26.16 -14.89 -21.34
N SER A 273 26.70 -15.20 -22.49
CA SER A 273 27.80 -16.14 -22.54
C SER A 273 29.09 -15.60 -21.94
N SER A 274 29.32 -14.30 -22.05
CA SER A 274 30.54 -13.68 -21.51
C SER A 274 30.57 -13.50 -19.98
N GLY A 275 29.42 -13.63 -19.33
CA GLY A 275 29.34 -13.44 -17.87
C GLY A 275 28.82 -12.08 -17.44
N PHE A 276 28.56 -11.17 -18.39
CA PHE A 276 28.13 -9.81 -18.03
C PHE A 276 26.74 -9.83 -17.37
N ILE A 277 25.85 -10.66 -17.90
CA ILE A 277 24.50 -10.78 -17.27
C ILE A 277 24.64 -11.29 -15.83
N ASP A 278 25.48 -12.29 -15.60
CA ASP A 278 25.72 -12.77 -14.22
C ASP A 278 26.34 -11.68 -13.33
N LEU A 279 27.22 -10.88 -13.92
CA LEU A 279 27.79 -9.74 -13.20
C LEU A 279 26.67 -8.81 -12.75
N LEU A 280 25.75 -8.52 -13.64
CA LEU A 280 24.65 -7.62 -13.20
C LEU A 280 23.84 -8.24 -12.06
N HIS A 281 23.61 -9.54 -12.12
CA HIS A 281 22.85 -10.15 -11.05
C HIS A 281 23.60 -10.00 -9.74
N ASP A 282 24.88 -10.31 -9.74
CA ASP A 282 25.71 -10.19 -8.52
C ASP A 282 25.80 -8.78 -7.98
N LYS A 283 25.78 -7.79 -8.87
CA LYS A 283 25.85 -6.40 -8.47
C LYS A 283 24.57 -5.94 -7.81
N TRP A 284 23.46 -6.32 -8.41
CA TRP A 284 22.17 -5.81 -7.99
C TRP A 284 21.44 -6.63 -6.95
N TYR A 285 21.75 -7.93 -6.87
CA TYR A 285 21.27 -8.75 -5.73
C TYR A 285 22.44 -8.90 -4.71
N ARG B 4 -22.86 -10.50 35.16
CA ARG B 4 -21.78 -9.66 34.55
C ARG B 4 -22.04 -9.53 33.03
N PRO B 5 -22.43 -8.33 32.59
CA PRO B 5 -22.80 -8.20 31.17
C PRO B 5 -21.62 -8.45 30.26
N LYS B 6 -21.90 -8.97 29.07
CA LYS B 6 -20.87 -9.16 28.04
C LYS B 6 -21.11 -8.10 26.98
N LEU B 7 -20.23 -7.11 26.91
CA LEU B 7 -20.40 -6.03 25.95
C LEU B 7 -19.62 -6.35 24.67
N ARG B 8 -20.18 -6.02 23.50
CA ARG B 8 -19.51 -6.24 22.23
C ARG B 8 -18.83 -4.95 21.83
N VAL B 9 -17.52 -5.01 21.62
CA VAL B 9 -16.71 -3.81 21.33
C VAL B 9 -16.13 -3.87 19.93
N VAL B 10 -16.33 -2.82 19.13
CA VAL B 10 -15.71 -2.76 17.82
C VAL B 10 -14.47 -1.90 17.96
N THR B 11 -13.42 -2.24 17.21
CA THR B 11 -12.21 -1.45 17.27
C THR B 11 -11.70 -1.27 15.83
N LEU B 12 -10.63 -0.52 15.73
CA LEU B 12 -9.98 -0.22 14.40
C LEU B 12 -8.47 -0.24 14.70
N VAL B 13 -7.67 -0.99 13.93
CA VAL B 13 -6.25 -1.10 14.30
C VAL B 13 -5.46 0.12 13.84
N GLU B 14 -4.85 0.80 14.79
CA GLU B 14 -4.15 2.03 14.49
C GLU B 14 -3.15 2.22 15.57
N HIS B 15 -1.88 2.22 15.17
CA HIS B 15 -0.77 2.24 16.12
C HIS B 15 -0.57 3.64 16.64
N PRO B 16 -0.29 3.80 17.96
CA PRO B 16 -0.14 2.80 19.04
C PRO B 16 -1.33 2.57 19.94
N PHE B 17 -2.51 2.89 19.44
CA PHE B 17 -3.75 2.75 20.20
C PHE B 17 -4.28 1.34 20.18
N VAL B 18 -4.23 0.71 19.01
CA VAL B 18 -4.58 -0.69 18.82
C VAL B 18 -3.56 -1.30 17.85
N PHE B 19 -2.85 -2.36 18.31
CA PHE B 19 -1.98 -3.17 17.41
C PHE B 19 -2.60 -4.55 17.51
N THR B 20 -2.26 -5.40 16.57
CA THR B 20 -2.58 -6.81 16.73
C THR B 20 -1.36 -7.67 16.34
N ARG B 21 -1.36 -8.84 16.91
CA ARG B 21 -0.38 -9.84 16.49
C ARG B 21 -1.15 -11.11 16.29
N GLU B 22 -0.53 -12.10 15.64
CA GLU B 22 -1.14 -13.39 15.44
C GLU B 22 -1.39 -14.08 16.79
N SER B 23 -2.43 -14.90 16.82
CA SER B 23 -2.69 -15.74 17.97
C SER B 23 -1.66 -16.89 17.98
N ASP B 24 -1.55 -17.59 19.11
CA ASP B 24 -0.63 -18.71 19.18
C ASP B 24 -1.18 -19.93 18.43
N GLU B 25 -0.45 -21.04 18.45
CA GLU B 25 -0.86 -22.25 17.71
C GLU B 25 -2.26 -22.76 18.10
N ASP B 26 -2.65 -22.47 19.33
CA ASP B 26 -3.93 -22.90 19.86
C ASP B 26 -4.98 -21.80 19.76
N GLY B 27 -4.62 -20.68 19.13
CA GLY B 27 -5.54 -19.57 18.93
C GLY B 27 -5.76 -18.72 20.16
N GLN B 28 -4.79 -18.73 21.07
CA GLN B 28 -4.91 -17.94 22.29
C GLN B 28 -3.91 -16.80 22.29
N CYS B 29 -4.01 -15.95 23.30
CA CYS B 29 -3.15 -14.77 23.40
C CYS B 29 -2.36 -14.74 24.71
N PRO B 30 -1.05 -15.02 24.66
CA PRO B 30 -0.26 -15.02 25.89
C PRO B 30 -0.14 -13.63 26.48
N ALA B 31 -0.41 -12.63 25.63
CA ALA B 31 -0.40 -11.25 26.04
C ALA B 31 -1.43 -10.60 25.11
N GLY B 32 -2.33 -9.80 25.65
CA GLY B 32 -3.33 -9.10 24.83
C GLY B 32 -4.68 -9.77 24.86
N GLN B 33 -5.62 -9.26 24.05
CA GLN B 33 -6.97 -9.79 24.02
C GLN B 33 -7.35 -10.43 22.72
N LEU B 34 -7.96 -11.60 22.80
CA LEU B 34 -8.42 -12.29 21.61
C LEU B 34 -9.53 -11.45 20.96
N CYS B 35 -9.35 -11.15 19.68
CA CYS B 35 -10.33 -10.38 18.94
C CYS B 35 -10.58 -11.01 17.57
N LEU B 36 -11.74 -10.74 16.99
CA LEU B 36 -12.07 -11.27 15.67
C LEU B 36 -11.72 -10.23 14.62
N ASP B 37 -11.48 -10.72 13.41
CA ASP B 37 -11.22 -9.91 12.21
C ASP B 37 -12.14 -10.42 11.09
N PRO B 38 -13.44 -10.19 11.25
CA PRO B 38 -14.55 -10.74 10.45
C PRO B 38 -14.75 -10.14 9.06
N GLY B 39 -14.27 -8.91 8.86
CA GLY B 39 -14.41 -8.24 7.58
C GLY B 39 -15.85 -8.15 7.12
N THR B 40 -16.77 -7.85 8.04
CA THR B 40 -18.18 -7.76 7.67
C THR B 40 -18.96 -6.71 8.46
N ASN B 41 -20.05 -6.21 7.87
CA ASN B 41 -20.96 -5.35 8.61
C ASN B 41 -22.33 -6.00 8.72
N ASP B 42 -22.36 -7.33 8.63
CA ASP B 42 -23.59 -8.11 8.72
C ASP B 42 -23.84 -8.56 10.17
N SER B 43 -24.83 -7.96 10.81
CA SER B 43 -25.12 -8.24 12.22
C SER B 43 -25.28 -9.75 12.52
N ALA B 44 -25.94 -10.48 11.63
CA ALA B 44 -26.13 -11.91 11.84
C ALA B 44 -24.81 -12.69 11.72
N ARG B 45 -23.95 -12.27 10.79
CA ARG B 45 -22.64 -12.92 10.61
C ARG B 45 -21.78 -12.73 11.86
N LEU B 46 -21.80 -11.52 12.42
CA LEU B 46 -21.02 -11.22 13.61
C LEU B 46 -21.48 -12.09 14.78
N ASP B 47 -22.79 -12.12 15.02
CA ASP B 47 -23.33 -12.98 16.05
C ASP B 47 -22.77 -14.37 15.90
N ALA B 48 -22.86 -14.90 14.68
CA ALA B 48 -22.45 -16.27 14.39
C ALA B 48 -20.96 -16.51 14.61
N LEU B 49 -20.14 -15.52 14.29
CA LEU B 49 -18.69 -15.62 14.46
C LEU B 49 -18.29 -15.65 15.93
N PHE B 50 -18.92 -14.80 16.73
CA PHE B 50 -18.67 -14.81 18.17
C PHE B 50 -19.14 -16.13 18.82
N ALA B 51 -20.28 -16.65 18.37
CA ALA B 51 -20.83 -17.92 18.88
C ALA B 51 -20.05 -19.10 18.31
N ALA B 52 -18.86 -18.77 17.79
CA ALA B 52 -17.90 -19.75 17.31
C ALA B 52 -16.55 -19.45 17.97
N LEU B 53 -16.29 -18.17 18.25
CA LEU B 53 -15.08 -17.79 18.99
C LEU B 53 -15.21 -18.66 20.22
N VAL B 54 -16.40 -18.57 20.80
CA VAL B 54 -16.91 -19.56 21.74
C VAL B 54 -17.90 -20.23 20.78
N ASN B 55 -17.91 -21.55 20.67
CA ASN B 55 -17.12 -22.44 21.49
C ASN B 55 -15.79 -22.97 20.90
N GLY B 56 -15.01 -22.11 20.25
CA GLY B 56 -13.67 -22.49 19.78
C GLY B 56 -13.44 -23.07 18.39
N SER B 57 -14.41 -22.92 17.48
CA SER B 57 -14.27 -23.44 16.11
C SER B 57 -13.67 -22.46 15.11
N VAL B 58 -13.97 -21.18 15.27
CA VAL B 58 -13.49 -20.16 14.33
C VAL B 58 -12.00 -20.31 14.05
N PRO B 59 -11.63 -20.32 12.78
CA PRO B 59 -10.23 -20.44 12.32
C PRO B 59 -9.27 -19.31 12.78
N ARG B 60 -7.99 -19.63 12.91
CA ARG B 60 -7.01 -18.61 13.25
C ARG B 60 -6.95 -17.49 12.21
N THR B 61 -7.33 -17.78 10.97
CA THR B 61 -7.37 -16.74 9.91
C THR B 61 -8.22 -15.57 10.36
N LEU B 62 -9.22 -15.83 11.22
CA LEU B 62 -10.06 -14.74 11.71
C LEU B 62 -9.73 -14.25 13.11
N ARG B 63 -8.69 -14.83 13.71
CA ARG B 63 -8.28 -14.45 15.08
C ARG B 63 -7.06 -13.54 15.10
N ARG B 64 -7.05 -12.58 16.02
CA ARG B 64 -5.89 -11.72 16.27
C ARG B 64 -5.79 -11.46 17.76
N CYS B 65 -4.62 -10.99 18.21
CA CYS B 65 -4.40 -10.68 19.62
C CYS B 65 -4.20 -9.20 19.70
N CYS B 66 -5.26 -8.55 20.17
CA CYS B 66 -5.35 -7.09 20.27
C CYS B 66 -4.59 -6.57 21.49
N TYR B 67 -3.78 -5.55 21.30
CA TYR B 67 -3.04 -4.94 22.41
C TYR B 67 -2.82 -3.45 22.15
N GLY B 68 -2.47 -2.68 23.17
CA GLY B 68 -2.19 -1.26 22.97
C GLY B 68 -2.82 -0.32 23.95
N TYR B 69 -2.65 0.99 23.71
CA TYR B 69 -3.15 2.01 24.61
C TYR B 69 -4.66 1.82 24.90
N CYS B 70 -5.46 1.65 23.85
CA CYS B 70 -6.90 1.56 24.04
C CYS B 70 -7.32 0.23 24.66
N ILE B 71 -6.53 -0.82 24.45
CA ILE B 71 -6.86 -2.14 25.00
C ILE B 71 -6.60 -2.15 26.51
N ASP B 72 -5.47 -1.59 26.91
CA ASP B 72 -5.21 -1.32 28.31
C ASP B 72 -6.34 -0.51 28.96
N LEU B 73 -6.76 0.62 28.35
CA LEU B 73 -7.85 1.41 28.86
C LEU B 73 -9.14 0.61 28.97
N LEU B 74 -9.42 -0.21 27.96
CA LEU B 74 -10.65 -1.03 27.97
C LEU B 74 -10.58 -2.02 29.14
N GLU B 75 -9.45 -2.70 29.29
CA GLU B 75 -9.31 -3.67 30.37
C GLU B 75 -9.53 -3.00 31.73
N ARG B 76 -9.02 -1.79 31.92
CA ARG B 76 -9.19 -1.09 33.19
C ARG B 76 -10.66 -0.75 33.44
N LEU B 77 -11.33 -0.24 32.41
CA LEU B 77 -12.78 0.01 32.53
C LEU B 77 -13.63 -1.25 32.81
N ALA B 78 -13.29 -2.35 32.17
CA ALA B 78 -13.98 -3.62 32.30
C ALA B 78 -13.90 -4.10 33.74
N GLU B 79 -12.75 -3.87 34.35
CA GLU B 79 -12.56 -4.22 35.77
C GLU B 79 -13.32 -3.27 36.72
N ASP B 80 -13.20 -1.95 36.50
CA ASP B 80 -13.82 -0.96 37.41
C ASP B 80 -15.32 -0.93 37.38
N LEU B 81 -15.89 -1.12 36.20
CA LEU B 81 -17.35 -1.14 36.03
C LEU B 81 -17.88 -2.56 35.98
N ALA B 82 -17.01 -3.55 36.15
CA ALA B 82 -17.42 -4.96 36.22
C ALA B 82 -18.23 -5.50 35.02
N PHE B 83 -17.65 -5.39 33.82
CA PHE B 83 -18.25 -6.06 32.66
C PHE B 83 -17.20 -6.93 31.95
N ASP B 84 -17.70 -7.92 31.19
CA ASP B 84 -16.87 -8.73 30.32
C ASP B 84 -17.04 -8.18 28.89
N PHE B 85 -16.14 -8.53 27.99
CA PHE B 85 -16.29 -7.99 26.63
C PHE B 85 -15.75 -8.95 25.59
N GLU B 86 -16.14 -8.69 24.33
CA GLU B 86 -15.67 -9.46 23.20
C GLU B 86 -15.36 -8.40 22.14
N LEU B 87 -14.37 -8.64 21.30
CA LEU B 87 -13.93 -7.62 20.35
C LEU B 87 -13.93 -8.03 18.92
N TYR B 88 -14.29 -7.10 18.02
CA TYR B 88 -14.07 -7.34 16.60
C TYR B 88 -13.53 -6.09 15.91
N ILE B 89 -12.79 -6.32 14.84
CA ILE B 89 -12.24 -5.23 14.04
C ILE B 89 -13.23 -4.86 12.99
N VAL B 90 -13.52 -3.57 12.91
CA VAL B 90 -14.49 -3.03 11.96
C VAL B 90 -14.18 -3.46 10.51
N GLY B 91 -15.19 -3.96 9.81
CA GLY B 91 -14.99 -4.65 8.53
C GLY B 91 -14.44 -3.80 7.41
N ASP B 92 -14.85 -2.52 7.34
CA ASP B 92 -14.37 -1.62 6.28
C ASP B 92 -13.07 -0.87 6.61
N GLY B 93 -12.61 -1.02 7.85
CA GLY B 93 -11.37 -0.41 8.38
C GLY B 93 -11.39 1.09 8.44
N LYS B 94 -12.61 1.67 8.38
CA LYS B 94 -12.76 3.13 8.42
C LYS B 94 -13.30 3.64 9.75
N TYR B 95 -12.87 4.84 10.15
CA TYR B 95 -13.48 5.48 11.28
C TYR B 95 -14.96 5.84 11.02
N GLY B 96 -15.27 6.52 9.90
CA GLY B 96 -16.65 6.77 9.54
C GLY B 96 -16.95 8.12 8.95
N ALA B 97 -17.72 8.10 7.88
CA ALA B 97 -18.15 9.33 7.24
C ALA B 97 -19.55 9.16 6.73
N LEU B 98 -20.20 10.28 6.45
CA LEU B 98 -21.51 10.21 5.83
C LEU B 98 -21.37 10.04 4.32
N ARG B 99 -21.88 8.93 3.77
CA ARG B 99 -21.78 8.66 2.32
C ARG B 99 -23.09 8.14 1.79
N ASP B 100 -23.65 8.87 0.83
CA ASP B 100 -24.90 8.48 0.19
C ASP B 100 -26.02 8.38 1.23
N GLY B 101 -25.92 9.22 2.24
CA GLY B 101 -26.94 9.26 3.27
C GLY B 101 -26.86 8.14 4.28
N ARG B 102 -25.70 7.50 4.39
CA ARG B 102 -25.47 6.50 5.42
C ARG B 102 -24.06 6.62 5.96
N TRP B 103 -23.91 6.36 7.25
CA TRP B 103 -22.60 6.43 7.88
C TRP B 103 -21.83 5.13 7.75
N THR B 104 -20.53 5.24 7.43
CA THR B 104 -19.66 4.09 7.27
C THR B 104 -18.87 3.83 8.57
N GLY B 105 -18.06 2.78 8.58
CA GLY B 105 -17.04 2.62 9.61
C GLY B 105 -17.62 2.33 10.98
N LEU B 106 -16.90 2.79 12.01
CA LEU B 106 -17.30 2.63 13.42
C LEU B 106 -18.60 3.34 13.65
N VAL B 107 -18.76 4.52 13.07
CA VAL B 107 -20.01 5.25 13.31
C VAL B 107 -21.20 4.40 12.82
N GLY B 108 -21.06 3.82 11.65
CA GLY B 108 -22.12 2.97 11.06
C GLY B 108 -22.44 1.75 11.88
N ASP B 109 -21.39 1.12 12.41
CA ASP B 109 -21.61 -0.06 13.27
C ASP B 109 -22.33 0.29 14.57
N LEU B 110 -22.05 1.44 15.18
CA LEU B 110 -22.80 1.86 16.38
C LEU B 110 -24.28 2.14 16.01
N LEU B 111 -24.48 2.86 14.92
CA LEU B 111 -25.86 3.20 14.45
C LEU B 111 -26.67 1.94 14.21
N ALA B 112 -26.01 0.90 13.75
CA ALA B 112 -26.73 -0.33 13.38
C ALA B 112 -26.88 -1.24 14.56
N GLY B 113 -26.32 -0.84 15.69
CA GLY B 113 -26.39 -1.66 16.89
C GLY B 113 -25.55 -2.91 16.81
N ARG B 114 -24.40 -2.83 16.12
CA ARG B 114 -23.48 -3.98 16.03
C ARG B 114 -22.46 -4.05 17.16
N ALA B 115 -22.38 -2.98 17.95
CA ALA B 115 -21.46 -2.95 19.08
C ALA B 115 -22.04 -2.04 20.18
N HIS B 116 -21.71 -2.36 21.44
CA HIS B 116 -22.06 -1.50 22.58
C HIS B 116 -21.15 -0.29 22.66
N MET B 117 -19.93 -0.44 22.17
CA MET B 117 -18.98 0.69 22.14
C MET B 117 -17.91 0.49 21.09
N ALA B 118 -17.25 1.59 20.74
CA ALA B 118 -16.15 1.56 19.78
C ALA B 118 -14.94 2.12 20.53
N VAL B 119 -13.83 1.41 20.54
CA VAL B 119 -12.66 1.79 21.32
C VAL B 119 -11.45 1.74 20.44
N THR B 120 -10.93 2.93 20.11
CA THR B 120 -9.74 3.08 19.32
C THR B 120 -9.43 4.57 19.32
N SER B 121 -8.58 5.00 18.41
CA SER B 121 -8.22 6.42 18.30
C SER B 121 -9.31 7.13 17.52
N PHE B 122 -10.49 7.31 18.17
CA PHE B 122 -11.74 7.71 17.52
C PHE B 122 -12.04 9.16 17.84
N SER B 123 -11.92 10.03 16.84
CA SER B 123 -12.14 11.47 17.03
C SER B 123 -13.57 11.88 17.21
N ILE B 124 -13.80 12.68 18.25
CA ILE B 124 -15.10 13.32 18.49
C ILE B 124 -15.25 14.54 17.56
N ASN B 125 -16.33 14.59 16.79
CA ASN B 125 -16.59 15.81 15.99
C ASN B 125 -18.10 16.08 15.98
N SER B 126 -18.52 17.30 15.58
CA SER B 126 -19.93 17.66 15.65
C SER B 126 -20.85 16.74 14.88
N ALA B 127 -20.42 16.38 13.68
CA ALA B 127 -21.28 15.61 12.78
C ALA B 127 -21.53 14.22 13.35
N ARG B 128 -20.47 13.60 13.85
CA ARG B 128 -20.64 12.26 14.44
C ARG B 128 -21.47 12.36 15.71
N SER B 129 -21.22 13.43 16.47
CA SER B 129 -21.87 13.64 17.76
C SER B 129 -23.38 13.79 17.60
N GLN B 130 -23.82 14.14 16.39
CA GLN B 130 -25.27 14.24 16.19
C GLN B 130 -25.95 12.87 16.07
N VAL B 131 -25.18 11.84 15.71
CA VAL B 131 -25.78 10.52 15.47
C VAL B 131 -25.36 9.40 16.45
N VAL B 132 -24.24 9.58 17.16
CA VAL B 132 -23.81 8.61 18.20
C VAL B 132 -23.35 9.37 19.42
N ASP B 133 -23.18 8.67 20.53
CA ASP B 133 -22.69 9.32 21.74
C ASP B 133 -21.20 9.12 21.87
N PHE B 134 -20.51 10.10 22.48
CA PHE B 134 -19.08 9.92 22.88
C PHE B 134 -18.93 10.19 24.37
N THR B 135 -17.98 9.48 24.99
CA THR B 135 -17.63 9.78 26.37
C THR B 135 -16.84 11.10 26.37
N SER B 136 -16.59 11.63 27.57
CA SER B 136 -15.64 12.72 27.69
C SER B 136 -14.36 12.15 27.11
N PRO B 137 -13.52 12.99 26.49
CA PRO B 137 -12.32 12.47 25.84
C PRO B 137 -11.23 11.96 26.75
N PHE B 138 -10.52 10.93 26.30
CA PHE B 138 -9.36 10.45 27.08
C PHE B 138 -8.03 10.98 26.54
N PHE B 139 -8.07 11.58 25.35
CA PHE B 139 -6.84 12.05 24.69
C PHE B 139 -7.20 13.18 23.76
N SER B 140 -6.25 14.05 23.44
CA SER B 140 -6.53 15.14 22.50
C SER B 140 -5.37 15.26 21.53
N THR B 141 -5.66 15.49 20.25
CA THR B 141 -4.59 15.67 19.23
C THR B 141 -4.94 16.71 18.17
N SER B 142 -3.94 17.46 17.72
N SER B 142 -3.92 17.44 17.73
CA SER B 142 -4.13 18.27 16.52
CA SER B 142 -4.01 18.24 16.52
C SER B 142 -3.97 17.38 15.29
C SER B 142 -3.98 17.34 15.27
N LEU B 143 -4.39 17.89 14.12
CA LEU B 143 -4.10 17.20 12.85
C LEU B 143 -2.66 17.59 12.55
N GLY B 144 -1.97 16.76 11.75
CA GLY B 144 -0.57 17.03 11.41
C GLY B 144 -0.35 16.82 9.91
N ILE B 145 0.84 17.18 9.46
CA ILE B 145 1.24 17.07 8.06
C ILE B 145 2.60 16.42 8.07
N MET B 146 2.71 15.25 7.42
CA MET B 146 3.95 14.53 7.32
C MET B 146 4.52 14.66 5.93
N VAL B 147 5.84 14.79 5.87
CA VAL B 147 6.60 14.91 4.63
C VAL B 147 7.87 14.06 4.71
N ARG B 148 8.52 13.85 3.57
CA ARG B 148 9.84 13.23 3.55
C ARG B 148 10.84 14.26 4.03
N THR B 149 11.92 13.83 4.68
CA THR B 149 12.92 14.81 5.07
C THR B 149 13.60 15.42 3.85
N ARG B 150 14.19 16.59 4.07
CA ARG B 150 15.03 17.22 3.06
C ARG B 150 14.30 17.51 1.77
N GLY B 151 13.08 18.03 1.87
CA GLY B 151 12.32 18.39 0.68
C GLY B 151 11.22 19.39 0.98
N THR B 152 9.97 18.94 0.87
CA THR B 152 8.81 19.78 1.12
C THR B 152 8.79 20.48 2.51
N GLU B 153 8.52 21.78 2.50
CA GLU B 153 8.34 22.56 3.73
C GLU B 153 7.00 23.23 3.69
N LEU B 154 6.24 23.15 4.77
CA LEU B 154 4.91 23.73 4.85
C LEU B 154 4.69 24.50 6.15
N SER B 155 3.94 25.59 6.08
CA SER B 155 3.69 26.39 7.25
C SER B 155 2.57 25.83 8.11
N GLY B 156 1.76 24.96 7.51
CA GLY B 156 0.53 24.49 8.13
C GLY B 156 -0.56 24.42 7.09
N ILE B 157 -1.80 24.29 7.55
CA ILE B 157 -2.94 24.10 6.67
C ILE B 157 -3.27 25.31 5.79
N HIS B 158 -2.72 26.49 6.14
CA HIS B 158 -2.90 27.70 5.29
C HIS B 158 -1.82 27.90 4.24
N ASP B 159 -0.88 26.98 4.10
CA ASP B 159 0.20 27.17 3.15
C ASP B 159 -0.34 27.18 1.69
N PRO B 160 -0.04 28.22 0.88
CA PRO B 160 -0.51 28.20 -0.54
C PRO B 160 -0.09 26.97 -1.37
N LYS B 161 0.99 26.30 -0.96
CA LYS B 161 1.43 25.07 -1.65
C LYS B 161 0.37 24.01 -1.60
N LEU B 162 -0.45 24.03 -0.54
CA LEU B 162 -1.59 23.08 -0.41
C LEU B 162 -2.88 23.56 -1.11
N HIS B 163 -3.16 24.86 -1.06
CA HIS B 163 -4.40 25.32 -1.66
C HIS B 163 -4.28 25.46 -3.16
N HIS B 164 -3.08 25.78 -3.62
CA HIS B 164 -2.87 25.94 -5.04
C HIS B 164 -1.64 25.19 -5.50
N PRO B 165 -1.73 23.87 -5.53
CA PRO B 165 -0.53 23.06 -5.75
C PRO B 165 0.10 23.29 -7.12
N SER B 166 1.42 23.27 -7.14
CA SER B 166 2.13 23.36 -8.40
C SER B 166 2.06 22.04 -9.16
N GLN B 167 2.47 22.08 -10.44
CA GLN B 167 2.42 20.90 -11.29
C GLN B 167 3.12 19.75 -10.62
N GLY B 168 2.43 18.62 -10.50
CA GLY B 168 3.06 17.42 -9.99
C GLY B 168 3.11 17.31 -8.48
N PHE B 169 2.70 18.35 -7.76
CA PHE B 169 2.70 18.29 -6.30
C PHE B 169 1.41 17.65 -5.80
N ARG B 170 1.53 16.61 -4.98
CA ARG B 170 0.36 15.84 -4.52
C ARG B 170 0.29 15.72 -3.00
N PHE B 171 -0.90 15.83 -2.46
CA PHE B 171 -1.09 15.58 -1.00
C PHE B 171 -2.43 14.93 -0.77
N GLY B 172 -2.54 14.26 0.36
CA GLY B 172 -3.72 13.44 0.62
C GLY B 172 -3.91 13.23 2.09
N THR B 173 -5.02 12.54 2.40
CA THR B 173 -5.33 12.21 3.82
C THR B 173 -5.84 10.74 3.88
N VAL B 174 -6.45 10.30 5.00
CA VAL B 174 -7.06 8.95 5.07
C VAL B 174 -8.57 9.03 4.72
N TRP B 175 -9.04 8.20 3.81
CA TRP B 175 -10.47 8.22 3.45
C TRP B 175 -11.41 7.98 4.64
N GLU B 176 -12.51 8.74 4.74
CA GLU B 176 -13.56 8.53 5.75
C GLU B 176 -13.06 8.78 7.18
N SER B 177 -12.01 9.59 7.28
CA SER B 177 -11.47 10.03 8.57
C SER B 177 -12.01 11.39 8.99
N SER B 178 -11.85 11.75 10.27
CA SER B 178 -12.28 13.07 10.74
C SER B 178 -11.42 14.16 10.06
N ALA B 179 -10.17 13.84 9.72
CA ALA B 179 -9.27 14.75 8.99
C ALA B 179 -9.85 15.03 7.62
N GLU B 180 -10.34 13.99 6.95
CA GLU B 180 -10.98 14.20 5.65
C GLU B 180 -12.21 15.09 5.79
N ALA B 181 -13.03 14.78 6.80
CA ALA B 181 -14.29 15.49 7.03
C ALA B 181 -14.04 16.96 7.27
N TYR B 182 -12.97 17.25 8.03
CA TYR B 182 -12.62 18.63 8.36
C TYR B 182 -12.19 19.40 7.09
N ILE B 183 -11.36 18.76 6.27
CA ILE B 183 -10.93 19.45 5.03
C ILE B 183 -12.10 19.65 4.09
N LYS B 184 -12.98 18.66 3.98
CA LYS B 184 -14.13 18.74 3.07
C LYS B 184 -15.02 19.90 3.49
N ALA B 185 -15.22 20.06 4.79
CA ALA B 185 -16.09 21.14 5.28
C ALA B 185 -15.43 22.52 5.25
N SER B 186 -14.13 22.58 5.51
CA SER B 186 -13.46 23.86 5.63
C SER B 186 -12.86 24.38 4.33
N PHE B 187 -12.27 23.48 3.55
CA PHE B 187 -11.55 23.84 2.31
C PHE B 187 -11.98 22.93 1.15
N PRO B 188 -13.23 23.10 0.68
CA PRO B 188 -13.75 22.24 -0.38
C PRO B 188 -12.85 22.15 -1.61
N GLU B 189 -12.20 23.25 -2.01
CA GLU B 189 -11.31 23.16 -3.17
C GLU B 189 -10.04 22.31 -2.91
N MET B 190 -9.46 22.42 -1.70
CA MET B 190 -8.34 21.58 -1.31
C MET B 190 -8.77 20.12 -1.29
N HIS B 191 -9.98 19.88 -0.79
CA HIS B 191 -10.54 18.53 -0.77
C HIS B 191 -10.67 17.93 -2.16
N ALA B 192 -11.04 18.76 -3.15
CA ALA B 192 -11.07 18.26 -4.52
C ALA B 192 -9.70 17.69 -4.96
N HIS B 193 -8.62 18.34 -4.56
CA HIS B 193 -7.29 17.88 -5.00
C HIS B 193 -7.01 16.53 -4.34
N MET B 194 -7.29 16.48 -3.05
CA MET B 194 -6.97 15.28 -2.28
C MET B 194 -7.69 14.03 -2.71
N ARG B 195 -8.84 14.20 -3.37
CA ARG B 195 -9.64 13.10 -3.94
C ARG B 195 -8.87 12.05 -4.74
N ARG B 196 -7.84 12.46 -5.45
CA ARG B 196 -7.09 11.53 -6.28
C ARG B 196 -5.91 10.96 -5.53
N HIS B 197 -5.72 11.41 -4.31
CA HIS B 197 -4.43 11.12 -3.70
C HIS B 197 -4.51 10.62 -2.27
N SER B 198 -5.71 10.33 -1.81
CA SER B 198 -5.83 9.83 -0.42
C SER B 198 -5.66 8.34 -0.27
N ALA B 199 -5.67 7.87 0.98
CA ALA B 199 -5.36 6.49 1.28
C ALA B 199 -6.34 5.84 2.22
N PRO B 200 -6.49 4.51 2.17
CA PRO B 200 -7.49 3.88 3.06
C PRO B 200 -7.10 3.80 4.56
N THR B 201 -5.81 3.94 4.88
CA THR B 201 -5.31 3.85 6.27
C THR B 201 -4.10 4.72 6.43
N THR B 202 -3.76 5.00 7.67
CA THR B 202 -2.61 5.80 7.97
C THR B 202 -1.30 5.20 7.40
N PRO B 203 -1.02 3.92 7.65
CA PRO B 203 0.20 3.36 7.02
C PRO B 203 0.21 3.44 5.50
N HIS B 204 -0.93 3.25 4.85
CA HIS B 204 -0.92 3.37 3.40
C HIS B 204 -0.45 4.75 2.97
N GLY B 205 -0.92 5.80 3.65
CA GLY B 205 -0.54 7.16 3.23
C GLY B 205 0.92 7.44 3.50
N VAL B 206 1.41 6.95 4.64
CA VAL B 206 2.82 7.10 4.97
C VAL B 206 3.66 6.40 3.90
N ALA B 207 3.23 5.22 3.45
CA ALA B 207 3.95 4.47 2.42
C ALA B 207 4.03 5.27 1.09
N MET B 208 3.00 6.06 0.79
N MET B 208 2.99 6.06 0.77
CA MET B 208 2.99 6.84 -0.45
CA MET B 208 2.99 6.85 -0.46
C MET B 208 4.06 7.91 -0.48
C MET B 208 4.11 7.88 -0.48
N LEU B 209 4.55 8.32 0.70
CA LEU B 209 5.65 9.31 0.76
C LEU B 209 6.99 8.69 0.34
N THR B 210 7.08 7.37 0.47
CA THR B 210 8.35 6.60 0.38
C THR B 210 8.38 5.61 -0.78
N SER B 211 7.29 5.53 -1.53
CA SER B 211 7.23 4.60 -2.60
C SER B 211 8.21 5.06 -3.71
N ASP B 212 8.41 4.22 -4.72
CA ASP B 212 9.35 4.52 -5.77
C ASP B 212 8.66 4.52 -7.15
N PRO B 213 8.40 5.73 -7.71
CA PRO B 213 8.62 7.03 -7.11
C PRO B 213 7.53 7.35 -6.08
N PRO B 214 7.74 8.39 -5.26
CA PRO B 214 6.73 8.74 -4.28
C PRO B 214 5.43 9.11 -4.98
N LYS B 215 4.33 8.80 -4.32
CA LYS B 215 3.05 9.17 -4.86
C LYS B 215 2.42 10.30 -4.09
N LEU B 216 3.07 10.74 -3.00
CA LEU B 216 2.62 11.95 -2.26
C LEU B 216 3.84 12.79 -1.93
N ASN B 217 3.62 14.11 -1.92
CA ASN B 217 4.60 15.06 -1.33
C ASN B 217 4.27 15.36 0.13
N ALA B 218 3.00 15.33 0.53
CA ALA B 218 2.62 15.55 1.92
C ALA B 218 1.41 14.71 2.30
N PHE B 219 1.30 14.33 3.58
CA PHE B 219 0.21 13.47 4.04
C PHE B 219 -0.38 14.07 5.33
N ILE B 220 -1.70 14.23 5.37
CA ILE B 220 -2.37 14.87 6.50
C ILE B 220 -3.18 13.90 7.31
N MET B 221 -2.93 13.83 8.62
CA MET B 221 -3.68 12.91 9.47
C MET B 221 -3.45 13.26 10.95
N ASP B 222 -4.20 12.64 11.88
CA ASP B 222 -4.01 12.91 13.34
C ASP B 222 -2.50 13.01 13.62
N LYS B 223 -2.05 14.09 14.24
CA LYS B 223 -0.61 14.25 14.56
C LYS B 223 -0.15 13.16 15.55
N SER B 224 -1.02 12.74 16.46
CA SER B 224 -0.71 11.60 17.35
C SER B 224 -0.20 10.37 16.59
N LEU B 225 -0.87 10.05 15.49
CA LEU B 225 -0.58 8.87 14.68
C LEU B 225 0.68 9.07 13.84
N LEU B 226 0.77 10.26 13.24
CA LEU B 226 1.94 10.64 12.44
C LEU B 226 3.19 10.69 13.25
N ASP B 227 3.10 11.15 14.48
CA ASP B 227 4.30 11.20 15.32
C ASP B 227 4.77 9.79 15.65
N TYR B 228 3.85 8.86 15.89
CA TYR B 228 4.27 7.50 16.17
C TYR B 228 5.02 6.96 14.94
N GLU B 229 4.49 7.18 13.75
CA GLU B 229 5.15 6.62 12.56
C GLU B 229 6.51 7.24 12.38
N VAL B 230 6.64 8.53 12.68
CA VAL B 230 7.97 9.18 12.59
C VAL B 230 8.97 8.51 13.56
N SER B 231 8.51 8.23 14.79
CA SER B 231 9.38 7.58 15.79
C SER B 231 9.92 6.23 15.39
N ILE B 232 9.17 5.44 14.63
CA ILE B 232 9.65 4.09 14.30
C ILE B 232 10.32 3.96 12.95
N ASP B 233 10.39 5.05 12.19
CA ASP B 233 11.08 5.00 10.88
C ASP B 233 12.58 4.70 11.03
N ALA B 234 12.99 3.52 10.56
CA ALA B 234 14.38 3.08 10.71
C ALA B 234 15.43 3.91 9.95
N ASP B 235 14.96 4.78 9.06
CA ASP B 235 15.85 5.64 8.29
C ASP B 235 15.72 7.09 8.68
N CYS B 236 14.84 7.39 9.66
CA CYS B 236 14.60 8.79 10.06
C CYS B 236 14.29 9.68 8.86
N LYS B 237 13.56 9.14 7.90
CA LYS B 237 13.31 9.87 6.65
C LYS B 237 11.95 10.57 6.63
N LEU B 238 11.23 10.55 7.73
CA LEU B 238 9.90 11.14 7.77
C LEU B 238 9.87 12.26 8.83
N LEU B 239 9.06 13.29 8.59
CA LEU B 239 8.93 14.36 9.58
C LEU B 239 7.58 15.07 9.52
N THR B 240 7.16 15.67 10.63
CA THR B 240 5.91 16.43 10.66
C THR B 240 6.28 17.91 10.63
N VAL B 241 5.41 18.68 9.96
CA VAL B 241 5.68 20.13 9.73
C VAL B 241 4.44 20.97 9.91
N GLY B 242 4.66 22.27 10.04
CA GLY B 242 3.55 23.22 10.23
C GLY B 242 2.97 23.36 11.63
N LYS B 243 2.09 24.34 11.76
CA LYS B 243 1.45 24.70 13.02
C LYS B 243 0.22 23.83 13.19
N PRO B 244 -0.24 23.64 14.43
CA PRO B 244 -1.41 22.82 14.68
C PRO B 244 -2.69 23.40 14.15
N PHE B 245 -3.63 22.50 13.90
CA PHE B 245 -4.94 22.83 13.41
C PHE B 245 -5.89 21.66 13.69
N ALA B 246 -7.18 21.97 13.73
CA ALA B 246 -8.22 20.95 13.82
C ALA B 246 -7.97 20.02 15.02
N ILE B 247 -7.76 20.62 16.17
CA ILE B 247 -7.62 19.83 17.43
C ILE B 247 -8.93 19.11 17.77
N GLU B 248 -8.82 17.81 18.02
CA GLU B 248 -10.01 17.00 18.37
C GLU B 248 -9.69 16.04 19.49
N GLY B 249 -10.70 15.73 20.29
CA GLY B 249 -10.49 14.72 21.34
C GLY B 249 -10.80 13.32 20.87
N TYR B 250 -10.17 12.33 21.51
CA TYR B 250 -10.55 10.95 21.23
C TYR B 250 -11.48 10.53 22.32
N GLY B 251 -12.59 9.89 21.92
CA GLY B 251 -13.52 9.37 22.93
C GLY B 251 -13.94 7.95 22.64
N ILE B 252 -14.51 7.29 23.65
CA ILE B 252 -15.21 6.03 23.35
C ILE B 252 -16.58 6.36 22.71
N GLY B 253 -16.91 5.74 21.58
CA GLY B 253 -18.18 5.96 20.92
C GLY B 253 -19.17 4.90 21.33
N LEU B 254 -20.43 5.31 21.47
CA LEU B 254 -21.53 4.38 21.80
C LEU B 254 -22.77 4.72 21.03
N PRO B 255 -23.72 3.77 20.95
CA PRO B 255 -24.96 4.19 20.35
C PRO B 255 -25.59 5.37 21.06
N GLN B 256 -26.30 6.19 20.29
CA GLN B 256 -26.96 7.34 20.88
C GLN B 256 -27.86 6.90 22.05
N ASN B 257 -27.77 7.64 23.15
CA ASN B 257 -28.57 7.40 24.34
C ASN B 257 -28.15 6.17 25.13
N SER B 258 -26.94 5.67 24.90
CA SER B 258 -26.51 4.48 25.62
C SER B 258 -26.50 4.73 27.12
N PRO B 259 -26.94 3.74 27.90
CA PRO B 259 -26.91 3.89 29.35
C PRO B 259 -25.50 3.79 29.92
N LEU B 260 -24.55 3.42 29.08
CA LEU B 260 -23.19 3.24 29.59
C LEU B 260 -22.30 4.47 29.54
N THR B 261 -22.58 5.40 28.63
CA THR B 261 -21.75 6.58 28.46
C THR B 261 -21.43 7.38 29.73
N SER B 262 -22.44 7.72 30.51
CA SER B 262 -22.23 8.50 31.74
C SER B 262 -21.16 7.91 32.69
N ASN B 263 -21.31 6.67 33.11
CA ASN B 263 -20.33 6.08 34.03
C ASN B 263 -18.95 5.97 33.38
N LEU B 264 -18.91 5.74 32.07
CA LEU B 264 -17.61 5.63 31.41
C LEU B 264 -16.89 6.97 31.46
N SER B 265 -17.63 8.05 31.25
CA SER B 265 -17.04 9.37 31.35
C SER B 265 -16.53 9.70 32.75
N GLU B 266 -17.26 9.24 33.80
CA GLU B 266 -16.87 9.51 35.19
C GLU B 266 -15.53 8.85 35.49
N PHE B 267 -15.32 7.67 34.90
CA PHE B 267 -14.10 6.95 35.12
C PHE B 267 -12.93 7.52 34.34
N ILE B 268 -13.17 7.90 33.08
CA ILE B 268 -12.14 8.55 32.29
C ILE B 268 -11.63 9.82 32.99
N SER B 269 -12.55 10.64 33.49
CA SER B 269 -12.15 11.82 34.22
C SER B 269 -11.27 11.45 35.42
N ARG B 270 -11.65 10.40 36.17
CA ARG B 270 -10.84 9.95 37.31
C ARG B 270 -9.48 9.43 36.85
N TYR B 271 -9.45 8.72 35.72
CA TYR B 271 -8.17 8.24 35.17
C TYR B 271 -7.24 9.36 34.79
N LYS B 272 -7.76 10.42 34.18
CA LYS B 272 -6.94 11.58 33.85
C LYS B 272 -6.34 12.27 35.09
N SER B 273 -7.12 12.41 36.17
CA SER B 273 -6.59 13.12 37.33
C SER B 273 -5.72 12.21 38.23
N SER B 274 -5.90 10.90 38.09
CA SER B 274 -5.10 9.97 38.89
C SER B 274 -3.75 9.71 38.24
N GLY B 275 -3.63 10.07 36.97
CA GLY B 275 -2.40 9.90 36.23
C GLY B 275 -2.30 8.63 35.40
N PHE B 276 -3.32 7.77 35.52
CA PHE B 276 -3.38 6.50 34.76
C PHE B 276 -3.34 6.80 33.27
N ILE B 277 -4.10 7.80 32.82
CA ILE B 277 -4.05 8.21 31.41
C ILE B 277 -2.66 8.64 30.94
N ASP B 278 -1.97 9.47 31.74
CA ASP B 278 -0.59 9.90 31.47
C ASP B 278 0.34 8.69 31.37
N LEU B 279 0.16 7.76 32.30
CA LEU B 279 0.89 6.48 32.32
C LEU B 279 0.78 5.70 31.00
N LEU B 280 -0.44 5.49 30.51
CA LEU B 280 -0.63 4.79 29.25
C LEU B 280 0.19 5.42 28.11
N HIS B 281 0.27 6.75 28.12
CA HIS B 281 0.97 7.47 27.05
C HIS B 281 2.47 7.18 27.09
N ASP B 282 2.99 7.00 28.30
CA ASP B 282 4.38 6.65 28.52
C ASP B 282 4.71 5.22 28.10
N LYS B 283 3.76 4.31 28.37
CA LYS B 283 3.92 2.91 28.02
C LYS B 283 3.88 2.69 26.51
N TRP B 284 2.98 3.41 25.83
CA TRP B 284 2.72 3.15 24.40
C TRP B 284 3.45 4.04 23.37
N TYR B 285 3.90 5.23 23.81
CA TYR B 285 4.75 6.12 22.98
C TYR B 285 6.21 5.98 23.36
#